data_5KWW
#
_entry.id   5KWW
#
_cell.length_a   169.990
_cell.length_b   169.990
_cell.length_c   169.990
_cell.angle_alpha   90.000
_cell.angle_beta   90.000
_cell.angle_gamma   90.000
#
_symmetry.space_group_name_H-M   'P 41 3 2'
#
loop_
_entity.id
_entity.type
_entity.pdbx_description
1 polymer 'Fusion glycoprotein F0, Envelope glycoprotein chimera'
2 non-polymer 2-acetamido-2-deoxy-beta-D-glucopyranose
3 non-polymer '2-[N-CYCLOHEXYLAMINO]ETHANE SULFONIC ACID'
4 non-polymer 'SULFATE ION'
5 non-polymer 3-[[5-chloranyl-1-(3-methylsulfonylpropyl)indol-2-yl]methyl]-1-[2,2,2-tris(fluoranyl)ethyl]imidazo[4,5-c]pyridin-2-one
6 water water
#
_entity_poly.entity_id   1
_entity_poly.type   'polypeptide(L)'
_entity_poly.pdbx_seq_one_letter_code
;MELLILKANAITTILTAVTFCFASGQNITEEFYQSTCSAVSKGYLSALRTGWYTSVITIELSNIKENKCNGTDAKVKLIK
QELDKYKNAVTELQLLMQSTPATNNRARRELPRFMNYTLNNAKKTNVTLSKKRKRRFLGFLLGVGSAIASGVAVCKVLHL
EGEVNKIKSALLSTNKAVVSLSNGVSVLTFKVLDLKNYIDKQLLPILNKQSCSISNIETVIEFQQKNNRLLEITREFSVN
AGVTTPVSTYMLTNSELLSLINDMPITNDQKKLMSNNVQIVRQQSYSIMCIIKEEVLAYVVQLPLYGVIDTPCWKLHTSP
LCTTNTKEGSNICLTRTDRGWYCDNAGSVSFFPQAETCKVQSNRVFCDTMNSLTLPSEVNLCNVDIFNPKYDCKIMTSKT
DVSSSVITSLGAIVSCYGKTKCTASNKNRGIIKTFSNGCDYVSNKGVDTVSVGNTLYYVNKQEGKSLYVKGEPIINFYDP
LVFPSDEFDASISQVNEKINQSLAFIRKSDELLSAIGGYIPEAPRDGQAYVRKDGEWVLLSTFLGGLVPRGSHHHHHHSA
WSHPQFEK
;
_entity_poly.pdbx_strand_id   F
#
# COMPACT_ATOMS: atom_id res chain seq x y z
N ASN A 27 -21.27 2.58 -4.88
CA ASN A 27 -21.67 3.80 -5.56
C ASN A 27 -20.58 4.87 -5.60
N ILE A 28 -19.71 4.75 -6.59
CA ILE A 28 -18.63 5.70 -6.79
C ILE A 28 -19.13 6.95 -7.53
N THR A 29 -18.96 8.12 -6.90
CA THR A 29 -19.34 9.36 -7.56
C THR A 29 -18.14 10.30 -7.63
N GLU A 30 -18.30 11.37 -8.39
CA GLU A 30 -17.18 12.30 -8.55
C GLU A 30 -17.67 13.71 -8.84
N GLU A 31 -17.01 14.68 -8.23
CA GLU A 31 -17.29 16.08 -8.46
C GLU A 31 -16.03 16.81 -8.92
N PHE A 32 -16.15 17.59 -9.98
CA PHE A 32 -15.05 18.45 -10.40
C PHE A 32 -15.28 19.89 -9.96
N TYR A 33 -14.26 20.50 -9.38
CA TYR A 33 -14.35 21.89 -8.95
C TYR A 33 -13.57 22.81 -9.90
N GLN A 34 -14.31 23.54 -10.73
CA GLN A 34 -13.75 24.38 -11.76
C GLN A 34 -12.92 25.53 -11.17
N SER A 35 -13.30 25.97 -9.98
CA SER A 35 -12.68 27.16 -9.40
C SER A 35 -11.28 26.87 -8.85
N THR A 36 -11.00 25.60 -8.59
CA THR A 36 -9.72 25.22 -8.02
C THR A 36 -9.03 24.08 -8.76
N CYS A 37 -9.61 23.68 -9.91
CA CYS A 37 -9.01 22.65 -10.76
C CYS A 37 -8.70 21.37 -9.97
N SER A 38 -9.70 20.87 -9.26
CA SER A 38 -9.56 19.63 -8.52
C SER A 38 -10.82 18.81 -8.60
N ALA A 39 -10.71 17.52 -8.29
CA ALA A 39 -11.86 16.63 -8.30
C ALA A 39 -11.85 15.69 -7.09
N VAL A 40 -13.02 15.31 -6.63
CA VAL A 40 -13.14 14.41 -5.48
C VAL A 40 -13.96 13.17 -5.84
N SER A 41 -13.35 12.01 -5.71
CA SER A 41 -14.02 10.74 -5.92
C SER A 41 -14.47 10.15 -4.59
N LYS A 42 -15.76 9.91 -4.43
CA LYS A 42 -16.24 9.34 -3.18
C LYS A 42 -17.07 8.08 -3.41
N GLY A 43 -17.41 7.42 -2.30
CA GLY A 43 -18.16 6.18 -2.35
C GLY A 43 -17.33 5.00 -1.89
N TYR A 44 -16.08 5.26 -1.52
CA TYR A 44 -15.17 4.20 -1.13
C TYR A 44 -15.30 3.82 0.34
N LEU A 45 -14.97 2.57 0.64
CA LEU A 45 -14.96 2.07 2.02
C LEU A 45 -13.52 1.76 2.43
N SER A 46 -13.20 1.99 3.69
CA SER A 46 -11.82 1.85 4.16
C SER A 46 -11.45 0.45 4.61
N ALA A 47 -10.16 0.15 4.49
CA ALA A 47 -9.51 -0.95 5.19
C ALA A 47 -8.09 -0.49 5.48
N LEU A 48 -7.90 0.07 6.67
CA LEU A 48 -6.63 0.66 7.04
C LEU A 48 -5.84 -0.26 7.96
N ARG A 49 -4.59 -0.56 7.60
CA ARG A 49 -3.73 -1.26 8.52
C ARG A 49 -3.40 -0.33 9.68
N THR A 50 -3.85 -0.68 10.87
CA THR A 50 -3.61 0.18 12.02
C THR A 50 -2.55 -0.43 12.91
N GLY A 51 -2.35 -1.73 12.75
CA GLY A 51 -1.42 -2.45 13.61
C GLY A 51 -0.89 -3.70 12.95
N TRP A 52 -0.28 -4.55 13.75
CA TRP A 52 0.34 -5.76 13.25
C TRP A 52 -0.05 -6.95 14.11
N TYR A 53 -0.22 -8.09 13.47
CA TYR A 53 -0.38 -9.33 14.19
C TYR A 53 0.84 -10.20 13.91
N THR A 54 1.57 -10.56 14.95
CA THR A 54 2.79 -11.35 14.78
C THR A 54 2.58 -12.81 15.16
N SER A 55 3.08 -13.70 14.32
CA SER A 55 3.01 -15.13 14.61
C SER A 55 4.33 -15.82 14.25
N VAL A 56 4.64 -16.90 14.95
CA VAL A 56 5.87 -17.65 14.71
C VAL A 56 5.60 -18.90 13.89
N ILE A 57 6.30 -19.01 12.77
CA ILE A 57 6.18 -20.17 11.90
C ILE A 57 7.41 -21.06 12.00
N THR A 58 7.21 -22.33 12.33
CA THR A 58 8.34 -23.22 12.51
C THR A 58 8.38 -24.33 11.48
N ILE A 59 9.59 -24.73 11.13
CA ILE A 59 9.83 -25.94 10.35
C ILE A 59 10.88 -26.76 11.07
N GLU A 60 10.49 -27.92 11.58
CA GLU A 60 11.44 -28.80 12.25
C GLU A 60 12.35 -29.49 11.24
N LEU A 61 13.65 -29.46 11.52
CA LEU A 61 14.65 -29.96 10.60
C LEU A 61 15.29 -31.22 11.11
N SER A 62 15.88 -32.00 10.19
CA SER A 62 16.55 -33.22 10.57
C SER A 62 18.07 -33.06 10.52
N ASN A 63 18.74 -33.68 11.48
CA ASN A 63 20.19 -33.69 11.54
C ASN A 63 20.74 -35.01 11.00
N ILE A 64 21.16 -35.02 9.74
CA ILE A 64 21.48 -36.27 9.04
C ILE A 64 22.95 -36.40 8.63
N LYS A 65 23.56 -37.52 9.03
CA LYS A 65 24.90 -37.93 8.61
C LYS A 65 25.92 -36.79 8.53
N ALA A 74 17.40 -46.68 -7.77
CA ALA A 74 16.96 -45.59 -8.63
C ALA A 74 16.18 -44.53 -7.86
N LYS A 75 15.09 -44.94 -7.21
CA LYS A 75 14.28 -43.99 -6.44
C LYS A 75 15.07 -43.49 -5.23
N VAL A 76 16.06 -44.28 -4.81
CA VAL A 76 16.95 -43.88 -3.71
C VAL A 76 17.93 -42.81 -4.19
N LYS A 77 18.38 -42.96 -5.44
CA LYS A 77 19.28 -41.98 -6.04
C LYS A 77 18.54 -40.64 -6.20
N LEU A 78 17.23 -40.73 -6.43
CA LEU A 78 16.36 -39.56 -6.46
C LEU A 78 16.32 -38.89 -5.10
N ILE A 79 16.23 -39.72 -4.06
CA ILE A 79 16.22 -39.26 -2.68
C ILE A 79 17.59 -38.72 -2.28
N LYS A 80 18.66 -39.35 -2.77
CA LYS A 80 20.02 -38.88 -2.56
C LYS A 80 20.17 -37.41 -2.97
N GLN A 81 19.79 -37.12 -4.20
CA GLN A 81 19.84 -35.77 -4.74
C GLN A 81 18.97 -34.83 -3.90
N GLU A 82 17.72 -35.26 -3.67
CA GLU A 82 16.76 -34.49 -2.90
C GLU A 82 17.28 -34.18 -1.49
N LEU A 83 18.17 -35.03 -1.00
CA LEU A 83 18.73 -34.88 0.35
C LEU A 83 19.96 -33.97 0.36
N ASP A 84 20.75 -34.02 -0.71
CA ASP A 84 21.90 -33.13 -0.86
C ASP A 84 21.44 -31.68 -0.91
N LYS A 85 20.34 -31.45 -1.62
CA LYS A 85 19.76 -30.12 -1.74
C LYS A 85 19.21 -29.65 -0.39
N TYR A 86 18.69 -30.59 0.38
CA TYR A 86 18.25 -30.32 1.74
C TYR A 86 19.42 -29.84 2.59
N LYS A 87 20.56 -30.50 2.44
CA LYS A 87 21.72 -30.25 3.27
C LYS A 87 22.28 -28.85 3.02
N ASN A 88 22.24 -28.40 1.78
CA ASN A 88 22.81 -27.10 1.45
C ASN A 88 21.81 -25.95 1.57
N ALA A 89 20.52 -26.28 1.60
CA ALA A 89 19.51 -25.30 1.94
C ALA A 89 19.67 -24.91 3.40
N VAL A 90 19.85 -25.92 4.25
CA VAL A 90 20.13 -25.70 5.67
C VAL A 90 21.40 -24.87 5.83
N THR A 91 22.41 -25.19 5.02
CA THR A 91 23.66 -24.44 5.02
C THR A 91 23.43 -22.97 4.68
N GLU A 92 22.59 -22.73 3.69
CA GLU A 92 22.27 -21.36 3.26
C GLU A 92 21.56 -20.58 4.37
N LEU A 93 20.66 -21.24 5.09
CA LEU A 93 19.95 -20.60 6.20
C LEU A 93 20.87 -20.30 7.38
N GLN A 94 21.82 -21.18 7.62
CA GLN A 94 22.80 -20.96 8.69
C GLN A 94 23.73 -19.82 8.33
N LEU A 95 24.12 -19.78 7.06
CA LEU A 95 24.95 -18.73 6.53
C LEU A 95 24.22 -17.39 6.60
N LEU A 96 22.91 -17.46 6.49
CA LEU A 96 22.06 -16.28 6.51
C LEU A 96 22.09 -15.59 7.88
N MET A 97 22.45 -16.36 8.90
CA MET A 97 22.49 -15.83 10.26
C MET A 97 23.90 -15.87 10.87
N GLN A 98 24.70 -14.85 10.58
CA GLN A 98 26.04 -14.73 11.16
C GLN A 98 26.40 -13.28 11.46
N PHE A 137 2.19 15.66 -3.21
CA PHE A 137 3.15 16.73 -2.96
C PHE A 137 3.59 16.76 -1.50
N LEU A 138 2.72 16.32 -0.60
CA LEU A 138 2.92 16.58 0.81
C LEU A 138 3.57 15.41 1.57
N GLY A 139 4.20 14.50 0.84
CA GLY A 139 4.89 13.37 1.45
C GLY A 139 5.98 13.75 2.45
N PHE A 140 6.63 14.90 2.22
CA PHE A 140 7.72 15.30 3.10
C PHE A 140 7.22 15.59 4.53
N LEU A 141 5.91 15.76 4.68
CA LEU A 141 5.33 16.04 6.00
C LEU A 141 5.17 14.77 6.85
N LEU A 142 5.30 13.59 6.24
CA LEU A 142 5.15 12.33 6.97
C LEU A 142 6.25 12.11 8.01
N GLY A 143 5.90 11.37 9.06
CA GLY A 143 6.88 10.89 10.01
C GLY A 143 7.55 9.64 9.47
N VAL A 144 8.32 8.98 10.30
CA VAL A 144 9.13 7.85 9.85
C VAL A 144 8.97 6.72 10.84
N GLY A 145 8.38 5.62 10.40
CA GLY A 145 8.23 4.45 11.25
C GLY A 145 9.35 3.45 11.07
N SER A 146 9.25 2.34 11.79
CA SER A 146 10.14 1.20 11.61
C SER A 146 9.28 -0.03 11.36
N ALA A 147 9.15 -0.38 10.09
CA ALA A 147 8.06 -1.24 9.63
C ALA A 147 8.04 -2.66 10.20
N ILE A 148 9.22 -3.24 10.49
CA ILE A 148 9.24 -4.60 11.01
C ILE A 148 9.73 -4.68 12.46
N ALA A 149 9.59 -3.57 13.19
CA ALA A 149 9.98 -3.50 14.61
C ALA A 149 9.18 -4.45 15.52
N SER A 150 7.90 -4.63 15.23
CA SER A 150 7.07 -5.55 16.02
C SER A 150 7.54 -7.00 15.82
N GLY A 151 7.71 -7.39 14.56
CA GLY A 151 8.19 -8.71 14.22
C GLY A 151 9.59 -8.99 14.73
N VAL A 152 10.49 -8.03 14.56
CA VAL A 152 11.86 -8.17 15.05
C VAL A 152 11.88 -8.25 16.59
N ALA A 153 10.96 -7.54 17.23
CA ALA A 153 10.87 -7.59 18.68
C ALA A 153 10.56 -9.01 19.15
N VAL A 154 9.73 -9.72 18.39
CA VAL A 154 9.38 -11.09 18.73
C VAL A 154 10.57 -11.99 18.45
N CYS A 155 11.29 -11.69 17.38
CA CYS A 155 12.44 -12.51 17.01
C CYS A 155 13.52 -12.49 18.10
N LYS A 156 13.84 -11.31 18.61
CA LYS A 156 14.85 -11.14 19.66
C LYS A 156 14.57 -12.00 20.90
N VAL A 157 13.31 -12.36 21.10
CA VAL A 157 12.92 -13.22 22.22
C VAL A 157 13.25 -14.69 21.93
N LEU A 158 13.06 -15.12 20.69
CA LEU A 158 13.35 -16.52 20.34
C LEU A 158 14.84 -16.83 20.49
N HIS A 159 15.64 -15.78 20.68
CA HIS A 159 17.09 -15.94 20.80
C HIS A 159 17.53 -16.15 22.24
N LEU A 160 16.56 -16.17 23.15
CA LEU A 160 16.85 -16.54 24.53
C LEU A 160 17.02 -18.05 24.62
N GLU A 161 17.81 -18.51 25.58
CA GLU A 161 18.11 -19.93 25.69
C GLU A 161 16.90 -20.71 26.14
N GLY A 162 16.62 -21.80 25.42
CA GLY A 162 15.49 -22.65 25.75
C GLY A 162 14.15 -22.05 25.36
N GLU A 163 14.19 -20.88 24.74
CA GLU A 163 12.96 -20.20 24.36
C GLU A 163 12.30 -20.88 23.16
N VAL A 164 13.11 -21.34 22.21
CA VAL A 164 12.57 -22.06 21.07
C VAL A 164 12.13 -23.46 21.50
N ASN A 165 12.67 -23.93 22.63
CA ASN A 165 12.26 -25.22 23.18
C ASN A 165 10.89 -25.16 23.81
N LYS A 166 10.50 -23.97 24.28
CA LYS A 166 9.14 -23.77 24.75
C LYS A 166 8.16 -23.93 23.59
N ILE A 167 8.54 -23.41 22.44
CA ILE A 167 7.77 -23.60 21.21
C ILE A 167 7.86 -25.04 20.72
N LYS A 168 9.08 -25.57 20.73
CA LYS A 168 9.34 -26.92 20.27
C LYS A 168 8.53 -27.94 21.08
N SER A 169 8.57 -27.81 22.40
CA SER A 169 7.89 -28.74 23.29
C SER A 169 6.37 -28.57 23.25
N ALA A 170 5.91 -27.36 22.96
CA ALA A 170 4.48 -27.09 22.91
C ALA A 170 3.89 -27.62 21.61
N LEU A 171 4.71 -27.70 20.57
CA LEU A 171 4.27 -28.19 19.28
C LEU A 171 4.66 -29.65 19.08
N LEU A 172 4.86 -30.35 20.19
CA LEU A 172 5.19 -31.76 20.17
C LEU A 172 4.09 -32.59 19.50
N SER A 173 2.87 -32.47 20.01
CA SER A 173 1.74 -33.27 19.54
C SER A 173 0.70 -32.45 18.78
N THR A 174 1.02 -31.20 18.47
CA THR A 174 0.09 -30.32 17.77
C THR A 174 0.80 -29.39 16.80
N ASN A 175 0.13 -29.04 15.70
CA ASN A 175 0.74 -28.22 14.65
C ASN A 175 0.59 -26.72 14.93
N LYS A 176 -0.48 -26.35 15.61
CA LYS A 176 -0.63 -24.94 15.99
C LYS A 176 -1.01 -24.83 17.47
N ALA A 177 -0.44 -23.82 18.12
CA ALA A 177 -0.66 -23.59 19.54
C ALA A 177 -0.37 -22.14 19.90
N VAL A 178 -1.00 -21.65 20.96
CA VAL A 178 -0.72 -20.32 21.45
C VAL A 178 0.30 -20.40 22.58
N VAL A 179 1.57 -20.15 22.26
CA VAL A 179 2.63 -20.25 23.24
C VAL A 179 2.90 -18.92 23.94
N SER A 180 2.77 -18.94 25.26
CA SER A 180 3.11 -17.77 26.06
C SER A 180 4.64 -17.65 26.18
N LEU A 181 5.20 -16.67 25.50
CA LEU A 181 6.64 -16.47 25.52
C LEU A 181 7.09 -15.63 26.72
N SER A 182 8.40 -15.46 26.87
CA SER A 182 8.97 -14.87 28.07
C SER A 182 8.64 -13.40 28.27
N ASN A 183 9.01 -12.57 27.29
CA ASN A 183 8.91 -11.11 27.44
C ASN A 183 7.49 -10.58 27.64
N GLY A 184 6.54 -11.47 27.90
CA GLY A 184 5.16 -11.06 28.07
C GLY A 184 4.43 -10.91 26.75
N VAL A 185 4.71 -11.82 25.81
CA VAL A 185 3.91 -11.89 24.60
C VAL A 185 3.31 -13.28 24.45
N SER A 186 2.12 -13.32 23.87
CA SER A 186 1.45 -14.58 23.59
C SER A 186 1.21 -14.67 22.10
N VAL A 187 2.05 -15.44 21.42
CA VAL A 187 2.00 -15.52 19.97
C VAL A 187 1.54 -16.88 19.48
N LEU A 188 0.66 -16.86 18.48
CA LEU A 188 0.20 -18.08 17.84
C LEU A 188 1.36 -18.69 17.05
N THR A 189 1.82 -19.85 17.51
CA THR A 189 2.92 -20.54 16.86
C THR A 189 2.39 -21.68 15.99
N PHE A 190 3.09 -21.97 14.89
CA PHE A 190 2.54 -22.81 13.84
C PHE A 190 3.62 -23.62 13.15
N LYS A 191 3.59 -24.94 13.33
CA LYS A 191 4.53 -25.80 12.64
C LYS A 191 3.94 -26.22 11.29
N VAL A 192 4.42 -25.59 10.24
CA VAL A 192 3.84 -25.78 8.91
C VAL A 192 4.47 -26.96 8.16
N LEU A 193 5.66 -27.36 8.59
CA LEU A 193 6.38 -28.42 7.92
C LEU A 193 7.25 -29.21 8.89
N ASP A 194 7.00 -30.50 8.99
CA ASP A 194 7.74 -31.36 9.92
C ASP A 194 8.69 -32.26 9.14
N LEU A 195 9.77 -31.66 8.66
CA LEU A 195 10.80 -32.39 7.92
C LEU A 195 11.52 -33.36 8.84
N LYS A 196 11.71 -32.94 10.09
CA LYS A 196 12.36 -33.76 11.10
C LYS A 196 11.74 -35.14 11.19
N ASN A 197 10.42 -35.19 11.42
CA ASN A 197 9.71 -36.46 11.56
C ASN A 197 9.56 -37.19 10.23
N TYR A 198 9.79 -36.48 9.12
CA TYR A 198 9.74 -37.16 7.83
C TYR A 198 11.04 -37.92 7.60
N ILE A 199 12.17 -37.23 7.72
CA ILE A 199 13.46 -37.85 7.52
C ILE A 199 13.70 -38.92 8.58
N ASP A 200 13.26 -38.66 9.80
CA ASP A 200 13.52 -39.57 10.91
C ASP A 200 12.45 -40.66 11.02
N LYS A 201 11.74 -40.91 9.93
CA LYS A 201 10.82 -42.04 9.87
C LYS A 201 10.86 -42.72 8.52
N GLN A 202 10.35 -42.05 7.49
CA GLN A 202 10.23 -42.66 6.17
C GLN A 202 11.48 -42.49 5.32
N LEU A 203 12.60 -42.18 5.98
CA LEU A 203 13.84 -41.90 5.27
C LEU A 203 15.03 -42.60 5.91
N LEU A 204 15.15 -42.45 7.23
CA LEU A 204 16.29 -42.94 8.00
C LEU A 204 16.69 -44.42 7.80
N PRO A 205 15.72 -45.36 7.90
CA PRO A 205 16.13 -46.78 7.86
C PRO A 205 16.93 -47.15 6.62
N ILE A 206 16.60 -46.51 5.50
CA ILE A 206 17.32 -46.70 4.25
C ILE A 206 18.71 -46.09 4.32
N SER A 213 16.73 -49.19 -0.09
CA SER A 213 15.34 -49.59 0.14
C SER A 213 14.38 -48.75 -0.70
N ILE A 214 14.39 -48.99 -2.00
CA ILE A 214 13.60 -48.24 -2.98
C ILE A 214 12.07 -48.35 -2.78
N SER A 215 11.49 -49.50 -3.12
CA SER A 215 10.04 -49.73 -3.07
C SER A 215 9.22 -48.68 -3.83
N ASN A 216 8.40 -47.91 -3.12
CA ASN A 216 7.40 -47.04 -3.74
C ASN A 216 7.87 -45.62 -4.09
N ILE A 217 7.33 -45.10 -5.18
CA ILE A 217 7.72 -43.79 -5.72
C ILE A 217 6.99 -42.64 -4.99
N GLU A 218 5.96 -42.99 -4.23
CA GLU A 218 5.12 -42.01 -3.57
C GLU A 218 5.83 -41.31 -2.42
N THR A 219 6.81 -41.98 -1.82
CA THR A 219 7.62 -41.35 -0.78
C THR A 219 8.63 -40.40 -1.41
N VAL A 220 9.08 -40.72 -2.62
CA VAL A 220 10.02 -39.86 -3.34
C VAL A 220 9.40 -38.50 -3.63
N ILE A 221 8.17 -38.50 -4.15
CA ILE A 221 7.51 -37.27 -4.58
C ILE A 221 6.92 -36.47 -3.40
N GLU A 222 6.48 -37.17 -2.37
CA GLU A 222 6.01 -36.51 -1.15
C GLU A 222 7.18 -35.80 -0.47
N PHE A 223 8.37 -36.37 -0.59
CA PHE A 223 9.56 -35.75 -0.03
C PHE A 223 10.02 -34.56 -0.86
N GLN A 224 10.07 -34.73 -2.18
CA GLN A 224 10.44 -33.64 -3.08
C GLN A 224 9.54 -32.45 -2.85
N GLN A 225 8.26 -32.73 -2.58
CA GLN A 225 7.26 -31.70 -2.33
C GLN A 225 7.54 -30.90 -1.06
N LYS A 226 7.74 -31.62 0.05
CA LYS A 226 8.05 -30.99 1.32
C LYS A 226 9.40 -30.26 1.23
N ASN A 227 10.37 -30.89 0.57
CA ASN A 227 11.70 -30.31 0.39
C ASN A 227 11.67 -29.03 -0.44
N ASN A 228 10.79 -29.01 -1.45
CA ASN A 228 10.68 -27.87 -2.35
C ASN A 228 10.26 -26.60 -1.61
N ARG A 229 9.32 -26.76 -0.69
CA ARG A 229 8.87 -25.63 0.12
C ARG A 229 10.06 -25.04 0.87
N LEU A 230 10.86 -25.92 1.46
CA LEU A 230 12.05 -25.51 2.18
C LEU A 230 12.96 -24.68 1.28
N LEU A 231 13.23 -25.19 0.09
CA LEU A 231 14.12 -24.53 -0.86
C LEU A 231 13.59 -23.18 -1.31
N GLU A 232 12.28 -23.10 -1.53
CA GLU A 232 11.67 -21.84 -1.96
C GLU A 232 11.71 -20.80 -0.86
N ILE A 233 11.55 -21.24 0.38
CA ILE A 233 11.65 -20.35 1.52
C ILE A 233 13.08 -19.84 1.62
N THR A 234 14.02 -20.76 1.48
CA THR A 234 15.44 -20.46 1.56
C THR A 234 15.88 -19.48 0.47
N ARG A 235 15.36 -19.68 -0.75
CA ARG A 235 15.70 -18.80 -1.86
C ARG A 235 15.20 -17.38 -1.60
N GLU A 236 13.98 -17.26 -1.09
CA GLU A 236 13.39 -15.94 -0.84
C GLU A 236 14.15 -15.17 0.24
N PHE A 237 14.54 -15.88 1.29
CA PHE A 237 15.23 -15.26 2.40
C PHE A 237 16.64 -14.81 2.00
N SER A 238 17.32 -15.61 1.18
CA SER A 238 18.69 -15.28 0.81
C SER A 238 18.76 -14.07 -0.11
N VAL A 239 17.91 -14.00 -1.12
CA VAL A 239 17.98 -12.88 -2.04
C VAL A 239 17.33 -11.62 -1.46
N ASN A 240 16.74 -11.74 -0.28
CA ASN A 240 16.11 -10.60 0.38
C ASN A 240 16.66 -10.34 1.76
N ALA A 241 17.79 -10.96 2.05
CA ALA A 241 18.48 -10.78 3.33
C ALA A 241 17.60 -11.04 4.54
N GLY A 242 16.67 -12.00 4.42
CA GLY A 242 15.94 -12.49 5.57
C GLY A 242 14.63 -11.78 5.87
N VAL A 243 14.24 -10.86 5.01
CA VAL A 243 12.96 -10.18 5.14
C VAL A 243 12.26 -10.13 3.80
N THR A 244 11.07 -10.71 3.71
CA THR A 244 10.35 -10.73 2.44
C THR A 244 8.98 -10.04 2.53
N THR A 245 8.58 -9.41 1.43
CA THR A 245 7.21 -8.91 1.26
C THR A 245 6.97 -8.67 -0.23
N PRO A 246 5.79 -9.08 -0.73
CA PRO A 246 4.68 -9.76 -0.04
C PRO A 246 5.02 -11.17 0.46
N VAL A 247 4.18 -11.71 1.35
CA VAL A 247 4.43 -13.02 1.91
C VAL A 247 3.92 -14.09 0.95
N SER A 248 4.84 -14.91 0.45
CA SER A 248 4.53 -15.94 -0.53
C SER A 248 3.67 -17.06 0.04
N THR A 249 3.12 -17.88 -0.83
CA THR A 249 2.41 -19.09 -0.44
C THR A 249 3.35 -20.18 0.07
N TYR A 250 4.64 -20.00 -0.18
CA TYR A 250 5.67 -20.92 0.32
C TYR A 250 5.97 -20.62 1.79
N MET A 251 6.01 -19.34 2.13
CA MET A 251 6.15 -18.91 3.52
C MET A 251 4.93 -19.35 4.32
N LEU A 252 3.76 -19.23 3.70
CA LEU A 252 2.49 -19.45 4.36
C LEU A 252 1.43 -19.78 3.32
N THR A 253 0.92 -21.01 3.34
CA THR A 253 -0.06 -21.42 2.35
C THR A 253 -1.39 -20.74 2.57
N ASN A 254 -2.27 -20.80 1.56
CA ASN A 254 -3.63 -20.29 1.69
C ASN A 254 -4.34 -20.95 2.86
N SER A 255 -4.10 -22.24 3.00
CA SER A 255 -4.67 -23.02 4.09
C SER A 255 -4.26 -22.44 5.44
N GLU A 256 -2.97 -22.28 5.63
CA GLU A 256 -2.43 -21.84 6.91
C GLU A 256 -2.84 -20.40 7.21
N LEU A 257 -2.77 -19.54 6.20
CA LEU A 257 -3.16 -18.14 6.34
C LEU A 257 -4.63 -18.01 6.76
N LEU A 258 -5.50 -18.76 6.09
CA LEU A 258 -6.92 -18.75 6.42
C LEU A 258 -7.16 -19.18 7.87
N SER A 259 -6.42 -20.20 8.32
CA SER A 259 -6.54 -20.66 9.70
C SER A 259 -6.03 -19.62 10.68
N LEU A 260 -4.94 -18.97 10.31
CA LEU A 260 -4.36 -17.90 11.12
C LEU A 260 -5.35 -16.76 11.24
N ILE A 261 -5.94 -16.39 10.11
CA ILE A 261 -6.96 -15.35 10.05
C ILE A 261 -8.14 -15.71 10.93
N ASN A 262 -8.53 -16.98 10.88
CA ASN A 262 -9.69 -17.46 11.63
C ASN A 262 -9.49 -17.42 13.14
N ASP A 263 -8.23 -17.50 13.58
CA ASP A 263 -7.93 -17.59 15.01
C ASP A 263 -7.45 -16.28 15.66
N MET A 264 -7.56 -15.17 14.93
CA MET A 264 -7.10 -13.90 15.45
C MET A 264 -8.19 -13.20 16.25
N PRO A 265 -7.80 -12.46 17.30
CA PRO A 265 -8.74 -11.76 18.17
C PRO A 265 -9.38 -10.56 17.49
N ILE A 266 -10.03 -10.81 16.36
CA ILE A 266 -10.62 -9.72 15.57
C ILE A 266 -12.08 -9.99 15.28
N THR A 267 -12.80 -8.94 14.88
CA THR A 267 -14.21 -9.05 14.52
C THR A 267 -14.40 -9.97 13.33
N ASN A 268 -15.63 -10.43 13.13
CA ASN A 268 -15.91 -11.26 11.98
C ASN A 268 -15.84 -10.45 10.69
N ASP A 269 -16.25 -9.18 10.78
CA ASP A 269 -16.21 -8.29 9.63
C ASP A 269 -14.77 -8.17 9.15
N GLN A 270 -13.83 -8.28 10.08
CA GLN A 270 -12.41 -8.22 9.76
C GLN A 270 -11.89 -9.54 9.22
N LYS A 271 -12.32 -10.65 9.81
CA LYS A 271 -11.94 -11.98 9.34
C LYS A 271 -12.38 -12.21 7.90
N LYS A 272 -13.59 -11.77 7.57
CA LYS A 272 -14.13 -11.96 6.22
C LYS A 272 -13.43 -11.05 5.22
N LEU A 273 -13.10 -9.83 5.65
CA LEU A 273 -12.37 -8.88 4.83
C LEU A 273 -11.03 -9.46 4.39
N MET A 274 -10.31 -10.03 5.34
CA MET A 274 -9.01 -10.64 5.08
C MET A 274 -9.11 -11.89 4.22
N SER A 275 -10.12 -12.71 4.51
CA SER A 275 -10.32 -13.96 3.80
C SER A 275 -10.70 -13.75 2.34
N ASN A 276 -11.31 -12.60 2.04
CA ASN A 276 -11.73 -12.30 0.68
C ASN A 276 -10.71 -11.45 -0.07
N ASN A 277 -9.55 -11.24 0.54
CA ASN A 277 -8.50 -10.42 -0.06
C ASN A 277 -7.11 -10.88 0.35
N VAL A 278 -6.84 -12.18 0.28
CA VAL A 278 -5.59 -12.72 0.82
C VAL A 278 -4.36 -12.12 0.12
N GLN A 279 -4.49 -11.83 -1.17
CA GLN A 279 -3.36 -11.29 -1.91
C GLN A 279 -3.01 -9.88 -1.44
N ILE A 280 -4.02 -9.08 -1.13
CA ILE A 280 -3.80 -7.76 -0.56
C ILE A 280 -3.17 -7.92 0.83
N VAL A 281 -3.65 -8.91 1.58
CA VAL A 281 -3.13 -9.20 2.91
C VAL A 281 -1.65 -9.58 2.80
N ARG A 282 -1.35 -10.54 1.92
CA ARG A 282 0.04 -10.95 1.71
C ARG A 282 0.94 -9.78 1.36
N GLN A 283 0.42 -8.86 0.56
CA GLN A 283 1.18 -7.69 0.15
C GLN A 283 1.44 -6.74 1.30
N GLN A 284 0.54 -6.72 2.28
CA GLN A 284 0.75 -5.86 3.44
C GLN A 284 1.41 -6.62 4.58
N SER A 285 1.99 -7.77 4.29
CA SER A 285 2.59 -8.60 5.33
C SER A 285 4.11 -8.69 5.18
N TYR A 286 4.76 -9.15 6.25
CA TYR A 286 6.19 -9.43 6.23
C TYR A 286 6.51 -10.85 6.72
N SER A 287 7.49 -11.48 6.09
CA SER A 287 8.08 -12.69 6.63
C SER A 287 9.50 -12.36 7.12
N ILE A 288 9.77 -12.60 8.40
CA ILE A 288 11.05 -12.25 8.99
C ILE A 288 11.78 -13.47 9.55
N MET A 289 12.84 -13.88 8.84
CA MET A 289 13.69 -14.99 9.26
C MET A 289 14.24 -14.75 10.65
N CYS A 290 13.95 -15.65 11.58
CA CYS A 290 14.35 -15.38 12.94
C CYS A 290 15.57 -16.21 13.35
N ILE A 291 15.45 -17.52 13.30
CA ILE A 291 16.47 -18.37 13.88
C ILE A 291 16.42 -19.78 13.32
N ILE A 292 17.57 -20.44 13.28
CA ILE A 292 17.62 -21.86 12.98
C ILE A 292 18.47 -22.54 14.07
N LYS A 293 17.80 -22.99 15.12
CA LYS A 293 18.47 -23.49 16.32
C LYS A 293 17.81 -24.77 16.82
N GLU A 294 18.65 -25.76 17.17
CA GLU A 294 18.19 -27.03 17.73
C GLU A 294 17.16 -27.73 16.84
N GLU A 295 17.57 -28.07 15.61
CA GLU A 295 16.71 -28.74 14.64
C GLU A 295 15.41 -27.99 14.34
N VAL A 296 15.40 -26.68 14.52
CA VAL A 296 14.18 -25.90 14.29
C VAL A 296 14.46 -24.61 13.53
N LEU A 297 13.75 -24.40 12.42
CA LEU A 297 13.78 -23.13 11.70
C LEU A 297 12.57 -22.30 12.08
N ALA A 298 12.82 -21.08 12.55
CA ALA A 298 11.72 -20.19 12.93
C ALA A 298 11.79 -18.88 12.16
N TYR A 299 10.67 -18.51 11.53
CA TYR A 299 10.54 -17.16 11.00
C TYR A 299 9.22 -16.56 11.48
N VAL A 300 9.23 -15.24 11.64
CA VAL A 300 8.06 -14.52 12.12
C VAL A 300 7.27 -13.93 10.96
N VAL A 301 5.98 -14.24 10.91
CA VAL A 301 5.12 -13.64 9.89
C VAL A 301 4.32 -12.50 10.51
N GLN A 302 4.47 -11.32 9.93
CA GLN A 302 3.89 -10.10 10.45
C GLN A 302 2.71 -9.70 9.59
N LEU A 303 1.50 -9.89 10.12
CA LEU A 303 0.28 -9.67 9.35
C LEU A 303 -0.45 -8.39 9.77
N PRO A 304 -1.08 -7.72 8.79
CA PRO A 304 -1.83 -6.47 9.04
C PRO A 304 -3.06 -6.65 9.94
N LEU A 305 -3.22 -5.74 10.90
CA LEU A 305 -4.48 -5.55 11.60
C LEU A 305 -5.25 -4.38 10.97
N TYR A 306 -6.47 -4.64 10.51
CA TYR A 306 -7.31 -3.58 9.94
C TYR A 306 -8.27 -3.03 10.98
N GLY A 307 -7.76 -2.16 11.84
CA GLY A 307 -8.54 -1.62 12.94
C GLY A 307 -9.56 -0.58 12.54
N VAL A 308 -9.54 -0.21 11.25
CA VAL A 308 -10.54 0.70 10.69
C VAL A 308 -11.08 0.13 9.39
N ILE A 309 -12.34 -0.26 9.42
CA ILE A 309 -13.01 -0.87 8.28
C ILE A 309 -14.32 -0.11 8.00
N ASP A 310 -14.65 0.04 6.72
CA ASP A 310 -15.96 0.49 6.26
C ASP A 310 -16.31 1.93 6.62
N THR A 311 -15.29 2.76 6.82
CA THR A 311 -15.52 4.19 6.97
C THR A 311 -15.43 4.82 5.58
N PRO A 312 -16.08 5.98 5.38
CA PRO A 312 -16.04 6.62 4.06
C PRO A 312 -14.64 7.11 3.68
N CYS A 313 -14.21 6.76 2.46
CA CYS A 313 -12.97 7.30 1.92
C CYS A 313 -13.23 8.09 0.65
N TRP A 314 -12.36 9.07 0.39
CA TRP A 314 -12.45 9.81 -0.85
C TRP A 314 -11.07 10.17 -1.37
N LYS A 315 -10.94 10.23 -2.69
CA LYS A 315 -9.67 10.56 -3.32
C LYS A 315 -9.75 11.95 -3.91
N LEU A 316 -8.77 12.78 -3.57
CA LEU A 316 -8.69 14.14 -4.10
C LEU A 316 -7.60 14.25 -5.16
N HIS A 317 -8.01 14.64 -6.36
CA HIS A 317 -7.10 14.84 -7.47
C HIS A 317 -6.92 16.34 -7.70
N THR A 318 -5.69 16.79 -7.92
CA THR A 318 -5.48 18.20 -8.18
C THR A 318 -4.58 18.38 -9.39
N SER A 319 -4.62 19.58 -9.96
CA SER A 319 -3.89 19.92 -11.19
C SER A 319 -3.68 21.43 -11.21
N PRO A 320 -2.65 21.90 -11.92
CA PRO A 320 -2.34 23.34 -11.92
C PRO A 320 -3.40 24.27 -12.52
N LEU A 321 -3.76 25.29 -11.75
CA LEU A 321 -4.69 26.32 -12.22
C LEU A 321 -3.93 27.63 -12.58
N CYS A 322 -3.89 27.97 -13.87
CA CYS A 322 -3.12 29.13 -14.31
C CYS A 322 -3.99 30.15 -15.07
N THR A 323 -3.60 31.41 -15.03
CA THR A 323 -4.21 32.39 -15.90
C THR A 323 -3.74 32.08 -17.32
N THR A 324 -4.46 32.61 -18.31
CA THR A 324 -4.25 32.19 -19.68
C THR A 324 -3.97 33.35 -20.64
N ASN A 325 -3.25 34.37 -20.16
CA ASN A 325 -2.77 35.45 -21.02
C ASN A 325 -1.89 34.91 -22.13
N THR A 326 -1.97 35.54 -23.30
CA THR A 326 -1.23 35.07 -24.47
C THR A 326 0.26 35.40 -24.40
N LYS A 327 0.61 36.46 -23.68
CA LYS A 327 2.01 36.78 -23.42
C LYS A 327 2.65 35.69 -22.55
N GLU A 328 3.77 35.15 -23.00
CA GLU A 328 4.47 34.12 -22.24
C GLU A 328 5.15 34.74 -21.02
N GLY A 329 5.05 34.05 -19.88
CA GLY A 329 5.72 34.49 -18.67
C GLY A 329 4.96 35.56 -17.89
N SER A 330 3.77 35.92 -18.37
CA SER A 330 2.96 36.91 -17.66
C SER A 330 1.89 36.21 -16.84
N ASN A 331 1.94 34.88 -16.82
CA ASN A 331 0.90 34.10 -16.17
C ASN A 331 1.29 33.64 -14.78
N ILE A 332 0.29 33.42 -13.94
CA ILE A 332 0.50 32.93 -12.59
C ILE A 332 -0.31 31.66 -12.38
N CYS A 333 0.20 30.76 -11.55
CA CYS A 333 -0.47 29.50 -11.28
C CYS A 333 -0.57 29.20 -9.79
N LEU A 334 -1.58 28.42 -9.43
CA LEU A 334 -1.62 27.79 -8.11
C LEU A 334 -2.13 26.34 -8.25
N THR A 335 -1.65 25.46 -7.38
CA THR A 335 -2.05 24.07 -7.39
C THR A 335 -2.37 23.64 -5.97
N ARG A 336 -3.54 23.02 -5.77
CA ARG A 336 -3.83 22.44 -4.47
C ARG A 336 -2.86 21.28 -4.20
N THR A 337 -2.16 21.36 -3.08
CA THR A 337 -1.11 20.40 -2.79
C THR A 337 -1.60 19.25 -1.95
N ASP A 338 -2.87 19.30 -1.55
CA ASP A 338 -3.41 18.36 -0.59
C ASP A 338 -4.04 17.14 -1.25
N ARG A 339 -3.58 16.83 -2.46
CA ARG A 339 -4.07 15.66 -3.16
C ARG A 339 -3.64 14.38 -2.49
N GLY A 340 -4.44 13.33 -2.68
CA GLY A 340 -4.19 12.04 -2.05
C GLY A 340 -5.48 11.40 -1.57
N TRP A 341 -5.34 10.37 -0.74
CA TRP A 341 -6.48 9.65 -0.20
C TRP A 341 -6.88 10.21 1.16
N TYR A 342 -8.18 10.26 1.40
CA TYR A 342 -8.73 10.69 2.68
C TYR A 342 -9.70 9.64 3.19
N CYS A 343 -9.55 9.24 4.45
CA CYS A 343 -10.50 8.32 5.07
C CYS A 343 -10.94 8.81 6.44
N ASP A 344 -12.25 8.82 6.69
CA ASP A 344 -12.75 9.09 8.02
C ASP A 344 -12.20 8.06 9.01
N ASN A 345 -11.74 8.53 10.16
CA ASN A 345 -11.06 7.68 11.11
C ASN A 345 -11.08 8.29 12.51
N ALA A 346 -11.91 7.70 13.38
CA ALA A 346 -11.98 8.06 14.80
C ALA A 346 -12.15 9.55 15.09
N GLY A 347 -13.01 10.21 14.32
CA GLY A 347 -13.34 11.60 14.60
C GLY A 347 -12.44 12.57 13.86
N SER A 348 -11.40 12.02 13.24
CA SER A 348 -10.49 12.81 12.42
C SER A 348 -10.51 12.25 11.02
N VAL A 349 -9.55 12.68 10.22
CA VAL A 349 -9.41 12.17 8.88
C VAL A 349 -7.97 11.74 8.68
N SER A 350 -7.79 10.52 8.17
CA SER A 350 -6.47 10.05 7.79
C SER A 350 -6.18 10.51 6.36
N PHE A 351 -5.06 11.20 6.20
CA PHE A 351 -4.69 11.73 4.89
C PHE A 351 -3.45 11.02 4.37
N PHE A 352 -3.56 10.44 3.18
CA PHE A 352 -2.46 9.71 2.56
C PHE A 352 -1.95 10.45 1.32
N PRO A 353 -0.89 11.25 1.49
CA PRO A 353 -0.37 12.11 0.41
C PRO A 353 0.21 11.33 -0.76
N GLN A 354 0.81 10.16 -0.50
CA GLN A 354 1.37 9.32 -1.55
C GLN A 354 0.37 8.23 -1.90
N ALA A 355 -0.54 8.54 -2.83
CA ALA A 355 -1.68 7.67 -3.15
C ALA A 355 -1.29 6.26 -3.67
N GLU A 356 0.02 5.99 -3.76
CA GLU A 356 0.53 4.66 -4.08
C GLU A 356 0.61 3.78 -2.84
N THR A 357 0.48 4.40 -1.68
CA THR A 357 0.46 3.69 -0.42
C THR A 357 -0.91 3.08 -0.15
N CYS A 358 -1.85 3.34 -1.07
CA CYS A 358 -3.21 2.80 -0.99
C CYS A 358 -3.51 1.97 -2.22
N LYS A 359 -4.32 0.92 -2.07
CA LYS A 359 -4.74 0.12 -3.22
C LYS A 359 -6.25 0.01 -3.24
N VAL A 360 -6.85 0.18 -4.41
CA VAL A 360 -8.29 0.09 -4.54
C VAL A 360 -8.73 -1.24 -5.11
N GLN A 361 -9.58 -1.94 -4.37
CA GLN A 361 -10.26 -3.13 -4.88
C GLN A 361 -11.76 -2.85 -4.94
N SER A 362 -12.26 -2.62 -6.15
CA SER A 362 -13.66 -2.25 -6.37
C SER A 362 -14.00 -0.92 -5.70
N ASN A 363 -14.64 -0.98 -4.54
CA ASN A 363 -14.94 0.24 -3.78
C ASN A 363 -14.26 0.22 -2.41
N ARG A 364 -13.45 -0.81 -2.19
CA ARG A 364 -12.65 -0.92 -0.98
C ARG A 364 -11.24 -0.38 -1.23
N VAL A 365 -10.74 0.46 -0.32
CA VAL A 365 -9.41 1.01 -0.47
C VAL A 365 -8.53 0.61 0.72
N PHE A 366 -7.48 -0.15 0.44
CA PHE A 366 -6.53 -0.57 1.46
C PHE A 366 -5.38 0.41 1.61
N CYS A 367 -5.26 1.01 2.78
CA CYS A 367 -4.17 1.94 3.06
C CYS A 367 -3.37 1.45 4.27
N ASP A 368 -2.33 2.21 4.63
CA ASP A 368 -1.47 1.94 5.76
C ASP A 368 -1.34 3.23 6.54
N THR A 369 -1.71 3.22 7.81
CA THR A 369 -1.71 4.46 8.60
C THR A 369 -0.31 5.01 8.82
N MET A 370 0.70 4.16 8.64
CA MET A 370 2.09 4.60 8.79
C MET A 370 2.43 5.72 7.80
N ASN A 371 1.78 5.70 6.64
CA ASN A 371 2.01 6.70 5.60
C ASN A 371 0.93 7.77 5.56
N SER A 372 0.49 8.22 6.74
CA SER A 372 -0.59 9.17 6.77
C SER A 372 -0.38 10.28 7.78
N LEU A 373 -1.15 11.34 7.62
CA LEU A 373 -1.27 12.37 8.64
C LEU A 373 -2.68 12.29 9.21
N THR A 374 -2.83 12.69 10.47
CA THR A 374 -4.13 12.76 11.11
C THR A 374 -4.56 14.23 11.15
N LEU A 375 -5.61 14.56 10.42
CA LEU A 375 -6.04 15.95 10.28
C LEU A 375 -7.43 16.18 10.87
N PRO A 376 -7.79 17.43 11.15
CA PRO A 376 -9.18 17.68 11.52
C PRO A 376 -10.08 17.40 10.33
N SER A 377 -11.33 17.04 10.59
CA SER A 377 -12.26 16.72 9.51
C SER A 377 -12.54 17.94 8.65
N GLU A 378 -12.25 19.13 9.19
CA GLU A 378 -12.48 20.38 8.47
C GLU A 378 -11.62 20.52 7.20
N VAL A 379 -10.65 19.65 7.03
CA VAL A 379 -9.81 19.63 5.85
C VAL A 379 -10.66 19.43 4.59
N ASN A 380 -11.85 18.85 4.76
CA ASN A 380 -12.73 18.55 3.65
C ASN A 380 -13.45 19.79 3.11
N LEU A 381 -13.54 20.83 3.94
CA LEU A 381 -14.13 22.10 3.52
C LEU A 381 -13.36 22.75 2.37
N CYS A 382 -12.11 22.34 2.17
CA CYS A 382 -11.30 22.88 1.07
C CYS A 382 -11.83 22.49 -0.32
N ASN A 383 -12.65 21.45 -0.37
CA ASN A 383 -13.24 21.00 -1.62
C ASN A 383 -14.45 21.86 -1.99
N VAL A 384 -15.30 22.14 -1.02
CA VAL A 384 -16.47 22.97 -1.27
C VAL A 384 -16.13 24.46 -1.25
N ASP A 385 -15.28 24.88 -0.30
CA ASP A 385 -14.89 26.28 -0.20
C ASP A 385 -13.45 26.43 0.25
N ILE A 386 -12.56 26.67 -0.71
CA ILE A 386 -11.15 26.79 -0.41
C ILE A 386 -10.83 28.06 0.40
N PHE A 387 -11.78 28.98 0.51
CA PHE A 387 -11.57 30.20 1.27
C PHE A 387 -12.20 30.16 2.65
N ASN A 388 -12.63 28.97 3.08
CA ASN A 388 -13.27 28.78 4.38
C ASN A 388 -12.39 29.22 5.56
N PRO A 389 -13.01 29.67 6.66
CA PRO A 389 -12.30 30.16 7.84
C PRO A 389 -11.89 29.07 8.83
N LYS A 390 -12.32 27.83 8.61
CA LYS A 390 -12.07 26.77 9.60
C LYS A 390 -10.80 25.96 9.31
N TYR A 391 -10.35 25.95 8.07
CA TYR A 391 -9.12 25.26 7.72
C TYR A 391 -8.36 26.03 6.64
N ASP A 392 -7.06 26.20 6.86
CA ASP A 392 -6.20 26.93 5.92
C ASP A 392 -5.75 26.02 4.80
N CYS A 393 -6.56 25.96 3.76
CA CYS A 393 -6.32 25.07 2.61
C CYS A 393 -4.95 25.27 1.97
N LYS A 394 -4.30 24.15 1.62
CA LYS A 394 -2.92 24.22 1.14
C LYS A 394 -2.77 24.27 -0.37
N ILE A 395 -1.87 25.14 -0.81
CA ILE A 395 -1.58 25.34 -2.21
C ILE A 395 -0.10 25.60 -2.42
N MET A 396 0.36 25.44 -3.66
CA MET A 396 1.67 25.92 -4.05
C MET A 396 1.47 26.95 -5.15
N THR A 397 2.48 27.78 -5.39
CA THR A 397 2.37 28.78 -6.45
C THR A 397 3.55 28.73 -7.40
N SER A 398 3.30 29.00 -8.67
CA SER A 398 4.37 29.11 -9.65
C SER A 398 4.01 30.05 -10.80
N LYS A 399 4.94 30.16 -11.75
CA LYS A 399 4.70 30.89 -12.98
C LYS A 399 4.88 29.95 -14.15
N THR A 400 4.86 28.65 -13.87
CA THR A 400 5.22 27.66 -14.87
C THR A 400 3.99 26.96 -15.42
N ASP A 401 3.42 27.52 -16.47
CA ASP A 401 2.17 27.02 -17.02
C ASP A 401 2.38 25.98 -18.12
N VAL A 402 2.84 24.80 -17.72
CA VAL A 402 2.90 23.65 -18.61
C VAL A 402 1.57 22.95 -18.61
N SER A 403 1.24 22.32 -19.73
CA SER A 403 0.01 21.55 -19.84
C SER A 403 0.21 20.14 -19.32
N SER A 404 -0.87 19.55 -18.81
CA SER A 404 -0.88 18.18 -18.36
C SER A 404 -2.29 17.74 -18.05
N SER A 405 -2.44 16.46 -17.76
CA SER A 405 -3.73 15.90 -17.37
C SER A 405 -3.58 14.99 -16.18
N VAL A 406 -4.62 14.96 -15.36
CA VAL A 406 -4.73 14.02 -14.27
C VAL A 406 -5.92 13.11 -14.52
N ILE A 407 -5.68 11.83 -14.71
CA ILE A 407 -6.77 10.87 -14.83
C ILE A 407 -7.36 10.59 -13.46
N THR A 408 -8.64 10.88 -13.29
CA THR A 408 -9.32 10.67 -12.02
C THR A 408 -10.01 9.31 -12.00
N SER A 409 -10.89 9.09 -11.02
CA SER A 409 -11.60 7.82 -10.92
C SER A 409 -12.68 7.69 -12.00
N LEU A 410 -13.38 8.78 -12.25
CA LEU A 410 -14.52 8.75 -13.16
C LEU A 410 -14.37 9.71 -14.33
N GLY A 411 -13.16 10.23 -14.55
CA GLY A 411 -12.94 11.19 -15.62
C GLY A 411 -11.51 11.66 -15.75
N ALA A 412 -11.33 12.92 -16.15
CA ALA A 412 -10.01 13.48 -16.38
C ALA A 412 -10.03 14.99 -16.18
N ILE A 413 -9.02 15.49 -15.47
CA ILE A 413 -8.80 16.93 -15.37
C ILE A 413 -7.76 17.32 -16.43
N VAL A 414 -8.02 18.40 -17.16
CA VAL A 414 -7.06 18.88 -18.14
C VAL A 414 -6.62 20.31 -17.85
N SER A 415 -5.34 20.47 -17.54
CA SER A 415 -4.74 21.79 -17.44
C SER A 415 -4.07 22.12 -18.77
N CYS A 416 -4.71 22.94 -19.59
CA CYS A 416 -4.24 23.21 -20.95
C CYS A 416 -3.75 24.65 -21.10
N TYR A 417 -2.47 24.84 -21.41
CA TYR A 417 -1.92 26.19 -21.50
C TYR A 417 -1.03 26.37 -22.72
N GLY A 418 -0.81 27.62 -23.11
CA GLY A 418 0.05 27.92 -24.24
C GLY A 418 -0.51 27.44 -25.57
N LYS A 419 0.34 26.82 -26.36
CA LYS A 419 -0.05 26.33 -27.68
C LYS A 419 -0.35 24.82 -27.70
N THR A 420 -0.50 24.22 -26.52
CA THR A 420 -0.71 22.78 -26.44
C THR A 420 -2.05 22.32 -27.03
N LYS A 421 -2.02 21.25 -27.82
CA LYS A 421 -3.25 20.64 -28.31
C LYS A 421 -3.81 19.69 -27.25
N CYS A 422 -5.00 20.00 -26.74
CA CYS A 422 -5.66 19.16 -25.73
C CYS A 422 -7.03 18.69 -26.21
N THR A 423 -7.21 17.37 -26.25
CA THR A 423 -8.47 16.79 -26.73
C THR A 423 -8.95 15.63 -25.86
N ALA A 424 -10.22 15.29 -26.03
CA ALA A 424 -10.80 14.07 -25.48
C ALA A 424 -11.42 13.27 -26.62
N SER A 425 -11.33 11.95 -26.55
CA SER A 425 -11.84 11.12 -27.64
C SER A 425 -12.66 9.93 -27.20
N ASN A 426 -13.52 9.48 -28.11
CA ASN A 426 -14.23 8.22 -28.01
C ASN A 426 -13.53 7.18 -28.88
N LYS A 427 -13.70 5.89 -28.55
CA LYS A 427 -13.13 4.78 -29.34
C LYS A 427 -13.39 4.90 -30.84
N ASN A 428 -14.64 4.67 -31.21
CA ASN A 428 -15.03 4.56 -32.62
C ASN A 428 -15.25 5.89 -33.33
N ARG A 429 -15.21 7.00 -32.59
CA ARG A 429 -15.57 8.29 -33.16
C ARG A 429 -14.48 9.35 -33.17
N GLY A 430 -13.39 9.10 -32.46
CA GLY A 430 -12.31 10.07 -32.42
C GLY A 430 -12.65 11.30 -31.60
N ILE A 431 -11.98 12.41 -31.92
CA ILE A 431 -12.03 13.63 -31.11
C ILE A 431 -13.45 14.16 -30.92
N ILE A 432 -13.88 14.28 -29.68
CA ILE A 432 -15.24 14.74 -29.40
C ILE A 432 -15.23 16.07 -28.67
N LYS A 433 -14.10 16.42 -28.07
CA LYS A 433 -14.00 17.68 -27.36
C LYS A 433 -12.59 18.25 -27.42
N THR A 434 -12.48 19.51 -27.83
CA THR A 434 -11.21 20.21 -27.81
C THR A 434 -11.21 21.19 -26.65
N PHE A 435 -10.25 21.04 -25.75
CA PHE A 435 -10.17 21.91 -24.58
C PHE A 435 -9.53 23.24 -24.96
N SER A 436 -10.08 24.33 -24.41
CA SER A 436 -9.43 25.62 -24.60
C SER A 436 -8.52 25.86 -23.41
N ASN A 437 -7.75 26.95 -23.44
CA ASN A 437 -6.77 27.21 -22.39
C ASN A 437 -7.40 27.40 -21.02
N GLY A 438 -6.79 26.78 -20.02
CA GLY A 438 -7.34 26.79 -18.67
C GLY A 438 -7.48 25.37 -18.15
N CYS A 439 -8.24 25.22 -17.07
CA CYS A 439 -8.42 23.91 -16.45
C CYS A 439 -9.85 23.44 -16.61
N ASP A 440 -10.01 22.31 -17.28
CA ASP A 440 -11.32 21.77 -17.59
C ASP A 440 -11.38 20.32 -17.17
N TYR A 441 -12.50 19.67 -17.44
CA TYR A 441 -12.73 18.30 -17.00
C TYR A 441 -13.74 17.64 -17.90
N VAL A 442 -13.63 16.33 -18.02
CA VAL A 442 -14.55 15.54 -18.81
C VAL A 442 -14.75 14.24 -18.06
N SER A 443 -15.99 13.72 -18.07
CA SER A 443 -16.26 12.46 -17.40
C SER A 443 -15.94 11.31 -18.35
N ASN A 444 -15.95 10.09 -17.83
CA ASN A 444 -15.56 8.92 -18.61
C ASN A 444 -16.70 8.34 -19.42
N LYS A 445 -17.87 8.97 -19.36
CA LYS A 445 -19.01 8.50 -20.15
C LYS A 445 -18.81 8.92 -21.59
N GLY A 446 -18.62 7.95 -22.48
CA GLY A 446 -18.41 8.25 -23.88
C GLY A 446 -16.97 8.63 -24.21
N VAL A 447 -16.18 8.89 -23.17
CA VAL A 447 -14.77 9.22 -23.36
C VAL A 447 -13.86 8.03 -23.00
N ASP A 448 -12.93 7.72 -23.89
CA ASP A 448 -12.02 6.60 -23.66
C ASP A 448 -10.57 7.06 -23.50
N THR A 449 -10.21 8.13 -24.21
CA THR A 449 -8.86 8.64 -24.12
C THR A 449 -8.86 10.14 -24.00
N VAL A 450 -7.75 10.65 -23.49
CA VAL A 450 -7.52 12.06 -23.36
C VAL A 450 -6.10 12.36 -23.87
N SER A 451 -5.94 13.42 -24.65
CA SER A 451 -4.61 13.74 -25.18
C SER A 451 -4.21 15.17 -24.86
N VAL A 452 -3.10 15.29 -24.14
CA VAL A 452 -2.50 16.58 -23.86
C VAL A 452 -1.12 16.60 -24.49
N GLY A 453 -0.96 17.41 -25.52
CA GLY A 453 0.29 17.45 -26.25
C GLY A 453 0.60 16.11 -26.90
N ASN A 454 1.79 15.57 -26.63
CA ASN A 454 2.20 14.28 -27.18
C ASN A 454 1.89 13.12 -26.25
N THR A 455 1.10 13.37 -25.21
CA THR A 455 0.76 12.33 -24.25
C THR A 455 -0.70 11.88 -24.35
N LEU A 456 -0.89 10.58 -24.65
CA LEU A 456 -2.21 9.99 -24.64
C LEU A 456 -2.48 9.25 -23.34
N TYR A 457 -3.52 9.65 -22.61
CA TYR A 457 -3.93 8.91 -21.41
C TYR A 457 -5.27 8.20 -21.67
N TYR A 458 -5.30 6.89 -21.42
CA TYR A 458 -6.57 6.18 -21.30
C TYR A 458 -7.26 6.55 -20.00
N VAL A 459 -8.58 6.76 -20.04
CA VAL A 459 -9.33 7.05 -18.83
C VAL A 459 -9.88 5.76 -18.23
N ASN A 460 -10.12 5.76 -16.93
CA ASN A 460 -10.66 4.58 -16.26
C ASN A 460 -12.10 4.38 -16.68
N LYS A 461 -12.49 3.13 -16.93
CA LYS A 461 -13.86 2.86 -17.34
C LYS A 461 -14.68 2.28 -16.20
N GLN A 462 -14.71 3.01 -15.09
CA GLN A 462 -15.53 2.68 -13.93
C GLN A 462 -16.90 3.34 -14.04
N GLU A 463 -17.96 2.59 -13.77
CA GLU A 463 -19.31 3.15 -13.79
C GLU A 463 -19.57 4.00 -12.54
N GLY A 464 -20.11 5.19 -12.74
CA GLY A 464 -20.37 6.10 -11.63
C GLY A 464 -20.71 7.49 -12.11
N LYS A 465 -21.46 8.23 -11.32
CA LYS A 465 -21.95 9.54 -11.75
C LYS A 465 -20.94 10.65 -11.51
N SER A 466 -20.86 11.56 -12.46
CA SER A 466 -19.93 12.68 -12.41
C SER A 466 -20.67 14.02 -12.36
N LEU A 467 -20.17 14.95 -11.56
CA LEU A 467 -20.81 16.25 -11.43
C LEU A 467 -19.82 17.39 -11.63
N TYR A 468 -20.11 18.26 -12.59
CA TYR A 468 -19.30 19.43 -12.88
C TYR A 468 -19.79 20.59 -12.05
N VAL A 469 -18.96 21.09 -11.14
CA VAL A 469 -19.36 22.23 -10.32
C VAL A 469 -18.73 23.49 -10.86
N LYS A 470 -19.55 24.32 -11.48
CA LYS A 470 -19.08 25.56 -12.09
C LYS A 470 -18.61 26.56 -11.04
N GLY A 471 -17.57 27.30 -11.40
CA GLY A 471 -17.05 28.33 -10.53
C GLY A 471 -15.97 29.13 -11.22
N GLU A 472 -15.89 30.41 -10.88
CA GLU A 472 -14.77 31.24 -11.32
C GLU A 472 -13.44 30.70 -10.80
N PRO A 473 -12.50 30.39 -11.71
CA PRO A 473 -11.15 29.97 -11.32
C PRO A 473 -10.51 30.99 -10.39
N ILE A 474 -10.11 30.56 -9.21
CA ILE A 474 -9.72 31.49 -8.17
C ILE A 474 -8.43 32.26 -8.49
N ILE A 475 -7.63 31.73 -9.41
CA ILE A 475 -6.39 32.38 -9.82
C ILE A 475 -6.68 33.74 -10.46
N ASN A 476 -7.93 33.94 -10.88
CA ASN A 476 -8.36 35.23 -11.41
C ASN A 476 -8.51 36.32 -10.34
N PHE A 477 -8.54 35.93 -9.07
CA PHE A 477 -8.72 36.90 -7.98
C PHE A 477 -7.41 37.51 -7.50
N TYR A 478 -6.30 37.16 -8.15
CA TYR A 478 -4.99 37.58 -7.67
C TYR A 478 -4.31 38.55 -8.63
N ASP A 479 -3.63 39.55 -8.09
CA ASP A 479 -2.83 40.47 -8.89
C ASP A 479 -1.43 39.90 -9.11
N PRO A 480 -1.07 39.61 -10.38
CA PRO A 480 0.22 39.00 -10.72
C PRO A 480 1.42 39.86 -10.31
N LEU A 481 1.20 41.16 -10.10
CA LEU A 481 2.27 42.07 -9.72
C LEU A 481 2.73 41.89 -8.27
N VAL A 482 1.87 41.32 -7.45
CA VAL A 482 2.21 41.09 -6.04
C VAL A 482 1.96 39.64 -5.65
N PHE A 483 1.75 38.80 -6.66
CA PHE A 483 1.56 37.37 -6.45
C PHE A 483 2.88 36.71 -6.11
N PRO A 484 2.92 35.97 -4.99
CA PRO A 484 4.14 35.26 -4.59
C PRO A 484 4.25 33.88 -5.25
N SER A 485 5.06 33.78 -6.31
CA SER A 485 5.30 32.52 -6.99
C SER A 485 6.47 31.77 -6.36
N ASP A 486 6.64 30.51 -6.74
CA ASP A 486 7.64 29.62 -6.14
C ASP A 486 7.42 29.43 -4.63
N GLU A 487 6.15 29.34 -4.22
CA GLU A 487 5.82 28.91 -2.86
C GLU A 487 5.35 27.47 -2.94
N PHE A 488 5.93 26.60 -2.10
CA PHE A 488 5.60 25.19 -2.18
C PHE A 488 4.80 24.68 -0.98
N ASP A 489 5.34 24.88 0.22
CA ASP A 489 4.65 24.51 1.44
C ASP A 489 3.77 25.66 1.89
N ALA A 490 2.84 26.08 1.03
CA ALA A 490 2.04 27.28 1.31
C ALA A 490 0.56 26.97 1.54
N SER A 491 -0.22 28.03 1.70
CA SER A 491 -1.65 27.93 1.93
C SER A 491 -2.34 29.22 1.53
N ILE A 492 -3.66 29.22 1.56
CA ILE A 492 -4.45 30.40 1.23
C ILE A 492 -4.07 31.62 2.10
N SER A 493 -3.89 31.38 3.40
CA SER A 493 -3.52 32.45 4.33
C SER A 493 -2.09 32.94 4.14
N GLN A 494 -1.14 32.01 4.05
CA GLN A 494 0.26 32.38 3.86
C GLN A 494 0.43 33.26 2.63
N VAL A 495 -0.34 32.96 1.59
CA VAL A 495 -0.29 33.74 0.36
C VAL A 495 -0.91 35.11 0.61
N ASN A 496 -2.02 35.14 1.35
CA ASN A 496 -2.68 36.40 1.69
C ASN A 496 -1.77 37.33 2.47
N GLU A 497 -1.11 36.78 3.49
CA GLU A 497 -0.19 37.55 4.31
C GLU A 497 0.96 38.13 3.48
N LYS A 498 1.45 37.34 2.52
CA LYS A 498 2.55 37.78 1.65
C LYS A 498 2.11 38.89 0.71
N ILE A 499 0.98 38.67 0.05
CA ILE A 499 0.43 39.68 -0.84
C ILE A 499 0.23 41.00 -0.09
N ASN A 500 -0.34 40.90 1.09
CA ASN A 500 -0.58 42.05 1.94
C ASN A 500 0.74 42.63 2.40
N GLN A 501 1.69 41.77 2.68
CA GLN A 501 3.02 42.22 3.04
C GLN A 501 3.64 42.98 1.88
N SER A 502 3.32 42.56 0.66
CA SER A 502 3.84 43.20 -0.54
C SER A 502 3.16 44.55 -0.78
N LEU A 503 1.90 44.66 -0.39
CA LEU A 503 1.16 45.91 -0.56
C LEU A 503 1.58 46.92 0.51
N ALA A 504 2.34 46.46 1.50
CA ALA A 504 2.83 47.32 2.56
C ALA A 504 3.94 48.24 2.04
N PHE A 505 4.59 47.82 0.96
CA PHE A 505 5.65 48.61 0.35
C PHE A 505 5.07 49.62 -0.63
N ILE A 506 4.45 50.66 -0.09
CA ILE A 506 3.83 51.70 -0.90
C ILE A 506 3.92 53.08 -0.22
#